data_7WCF
#
_entry.id   7WCF
#
_cell.length_a   39.989
_cell.length_b   85.403
_cell.length_c   92.557
_cell.angle_alpha   90.000
_cell.angle_beta   90.000
_cell.angle_gamma   90.000
#
_symmetry.space_group_name_H-M   'P 21 21 21'
#
loop_
_entity.id
_entity.type
_entity.pdbx_description
1 polymer 'HipA_C domain-containing protein'
2 non-polymer 'PHOSPHOMETHYLPHOSPHONIC ACID ADENYLATE ESTER'
3 non-polymer 'MAGNESIUM ION'
4 water water
#
_entity_poly.entity_id   1
_entity_poly.type   'polypeptide(L)'
_entity_poly.pdbx_seq_one_letter_code
;NLYFQSNAMKHCPITYEKISDQENYSQRGLHLLSPQLKNLSPLDLSADEQRQEAIARVGKM(SEP)VQGVQKKLSAKLKI
KEGCFEIVDQYGQYILKPQSDIYPELPENEAITMTLAKTIGLEVPVHGLVYSKDNSLTYFIKRFDRIGHNKKLALEDFAQ
LSGEDRHTKYKSSMEKVIAVIEQFCTFPKIEFVKLFKLTLFNFLVGNEEMHLKNFSLITKDRKISISPAYDLLNSTIAQK
NTKEELALPLKGKKNNLTKSDFLKYFAIEKLGLNQNVIDGIVQEFHQVIPKWQELIGFSFLSQEMQEKYLELLEQRCKRL
NFFD
;
_entity_poly.pdbx_strand_id   A
#
# COMPACT_ATOMS: atom_id res chain seq x y z
N ASN A 1 13.53 11.49 -28.77
CA ASN A 1 12.71 12.28 -27.85
C ASN A 1 11.24 12.25 -28.26
N LEU A 2 10.96 11.70 -29.45
CA LEU A 2 9.59 11.65 -29.97
C LEU A 2 8.93 10.29 -29.81
N TYR A 3 9.72 9.23 -29.61
CA TYR A 3 9.20 7.89 -29.27
C TYR A 3 8.17 7.38 -30.29
N PHE A 4 8.45 7.60 -31.56
CA PHE A 4 7.55 7.17 -32.64
C PHE A 4 7.99 5.84 -33.27
N GLN A 5 9.26 5.72 -33.64
CA GLN A 5 9.79 4.44 -34.13
C GLN A 5 10.91 3.91 -33.22
N SER A 6 10.65 3.93 -31.93
CA SER A 6 11.58 3.41 -30.93
C SER A 6 10.81 3.24 -29.62
N ASN A 7 11.37 2.47 -28.68
CA ASN A 7 10.70 2.18 -27.41
C ASN A 7 10.17 3.45 -26.77
N ALA A 8 8.94 3.38 -26.26
CA ALA A 8 8.41 4.46 -25.46
C ALA A 8 9.29 4.67 -24.24
N MET A 9 9.18 5.86 -23.66
CA MET A 9 9.91 6.19 -22.45
C MET A 9 9.67 5.12 -21.38
N LYS A 10 10.76 4.60 -20.83
CA LYS A 10 10.66 3.55 -19.81
C LYS A 10 10.70 4.16 -18.43
N HIS A 11 10.01 3.51 -17.50
CA HIS A 11 9.95 3.96 -16.12
C HIS A 11 10.42 2.87 -15.15
N CYS A 12 11.02 3.32 -14.05
CA CYS A 12 11.61 2.39 -13.08
C CYS A 12 10.53 1.63 -12.32
N PRO A 13 10.64 0.30 -12.18
CA PRO A 13 9.65 -0.46 -11.39
C PRO A 13 9.70 -0.20 -9.89
N ILE A 14 10.60 0.67 -9.40
CA ILE A 14 10.63 1.07 -8.01
C ILE A 14 10.19 2.52 -7.84
N THR A 15 10.83 3.45 -8.57
CA THR A 15 10.51 4.87 -8.38
C THR A 15 9.63 5.47 -9.46
N TYR A 16 9.41 4.78 -10.58
CA TYR A 16 8.66 5.30 -11.74
C TYR A 16 9.38 6.43 -12.48
N GLU A 17 10.63 6.72 -12.15
CA GLU A 17 11.34 7.76 -12.89
C GLU A 17 11.80 7.20 -14.23
N LYS A 18 12.18 8.11 -15.12
CA LYS A 18 12.63 7.73 -16.45
C LYS A 18 13.95 6.95 -16.36
N ILE A 19 14.01 5.81 -17.07
CA ILE A 19 15.23 5.01 -17.20
C ILE A 19 15.51 4.73 -18.66
N SER A 20 16.75 4.32 -18.94
CA SER A 20 17.18 4.06 -20.30
C SER A 20 16.87 2.63 -20.71
N ASP A 21 17.01 2.37 -22.02
CA ASP A 21 16.72 1.03 -22.54
C ASP A 21 17.63 -0.02 -21.94
N GLN A 22 18.86 0.35 -21.58
CA GLN A 22 19.81 -0.60 -21.03
C GLN A 22 19.63 -0.84 -19.53
N GLU A 23 18.75 -0.09 -18.88
CA GLU A 23 18.51 -0.25 -17.45
C GLU A 23 17.21 -1.02 -17.22
N ASN A 24 17.21 -1.84 -16.18
CA ASN A 24 15.98 -2.43 -15.69
C ASN A 24 15.40 -1.69 -14.50
N TYR A 25 16.24 -1.05 -13.70
CA TYR A 25 15.82 -0.24 -12.57
C TYR A 25 16.68 1.02 -12.53
N SER A 26 16.16 2.06 -11.91
CA SER A 26 16.93 3.28 -11.68
C SER A 26 17.92 3.05 -10.53
N GLN A 27 19.03 3.79 -10.59
CA GLN A 27 19.97 3.73 -9.48
C GLN A 27 19.32 4.19 -8.19
N ARG A 28 18.50 5.25 -8.26
CA ARG A 28 17.83 5.74 -7.07
C ARG A 28 16.94 4.66 -6.46
N GLY A 29 16.21 3.92 -7.30
CA GLY A 29 15.35 2.87 -6.78
C GLY A 29 16.13 1.72 -6.18
N LEU A 30 17.19 1.28 -6.86
CA LEU A 30 18.03 0.21 -6.31
C LEU A 30 18.61 0.60 -4.96
N HIS A 31 18.98 1.88 -4.81
CA HIS A 31 19.61 2.31 -3.58
C HIS A 31 18.63 2.50 -2.43
N LEU A 32 17.32 2.55 -2.72
CA LEU A 32 16.34 2.48 -1.64
C LEU A 32 16.39 1.12 -0.95
N LEU A 33 16.77 0.07 -1.68
CA LEU A 33 16.93 -1.23 -1.05
C LEU A 33 18.25 -1.32 -0.29
N SER A 34 19.36 -0.93 -0.95
CA SER A 34 20.64 -0.86 -0.28
C SER A 34 21.54 0.06 -1.09
N PRO A 35 22.30 0.95 -0.45
CA PRO A 35 23.28 1.75 -1.19
C PRO A 35 24.28 0.94 -2.02
N GLN A 36 24.51 -0.33 -1.68
CA GLN A 36 25.46 -1.15 -2.42
C GLN A 36 24.80 -2.11 -3.40
N LEU A 37 23.48 -2.04 -3.56
CA LEU A 37 22.80 -2.89 -4.52
C LEU A 37 23.09 -2.41 -5.94
N LYS A 38 23.65 -3.29 -6.76
CA LYS A 38 24.00 -2.93 -8.14
C LYS A 38 22.90 -3.24 -9.13
N ASN A 39 22.10 -4.26 -8.86
CA ASN A 39 21.06 -4.72 -9.78
C ASN A 39 20.13 -5.62 -8.98
N LEU A 40 19.00 -5.95 -9.59
CA LEU A 40 18.02 -6.85 -9.00
C LEU A 40 17.70 -7.90 -10.07
N SER A 41 18.24 -9.10 -9.90
CA SER A 41 18.00 -10.17 -10.86
C SER A 41 16.56 -10.64 -10.77
N PRO A 42 15.99 -11.16 -11.88
CA PRO A 42 14.63 -11.69 -11.81
C PRO A 42 14.55 -12.90 -10.88
N LEU A 43 13.38 -13.08 -10.28
CA LEU A 43 13.13 -14.28 -9.50
C LEU A 43 13.19 -15.50 -10.40
N ASP A 44 13.85 -16.57 -9.93
CA ASP A 44 14.04 -17.75 -10.77
C ASP A 44 12.86 -18.70 -10.67
N LEU A 45 11.67 -18.15 -10.47
CA LEU A 45 10.44 -18.92 -10.37
C LEU A 45 9.38 -18.21 -11.18
N SER A 46 8.54 -18.98 -11.86
CA SER A 46 7.39 -18.40 -12.52
C SER A 46 6.36 -17.98 -11.47
N ALA A 47 5.34 -17.23 -11.91
CA ALA A 47 4.27 -16.84 -11.01
C ALA A 47 3.61 -18.07 -10.38
N ASP A 48 3.33 -19.09 -11.19
CA ASP A 48 2.71 -20.30 -10.67
C ASP A 48 3.61 -20.98 -9.64
N GLU A 49 4.92 -21.02 -9.90
CA GLU A 49 5.85 -21.62 -8.96
C GLU A 49 5.94 -20.82 -7.67
N GLN A 50 5.84 -19.48 -7.76
CA GLN A 50 5.86 -18.68 -6.55
C GLN A 50 4.62 -18.94 -5.70
N ARG A 51 3.47 -19.10 -6.35
CA ARG A 51 2.24 -19.38 -5.62
C ARG A 51 2.30 -20.75 -4.96
N GLN A 52 2.91 -21.73 -5.63
CA GLN A 52 3.05 -23.06 -5.04
C GLN A 52 4.00 -23.03 -3.84
N GLU A 53 5.09 -22.28 -3.93
CA GLU A 53 5.99 -22.13 -2.79
C GLU A 53 5.29 -21.43 -1.64
N ALA A 54 4.45 -20.43 -1.93
CA ALA A 54 3.68 -19.76 -0.89
C ALA A 54 2.81 -20.76 -0.13
N ILE A 55 2.12 -21.64 -0.86
CA ILE A 55 1.27 -22.65 -0.22
C ILE A 55 2.11 -23.57 0.65
N ALA A 56 3.28 -23.98 0.15
CA ALA A 56 4.12 -24.93 0.89
C ALA A 56 4.71 -24.32 2.15
N ARG A 57 4.93 -23.01 2.17
CA ARG A 57 5.68 -22.38 3.26
C ARG A 57 4.83 -21.64 4.27
N VAL A 58 3.53 -21.47 4.01
CA VAL A 58 2.68 -20.60 4.82
C VAL A 58 2.77 -20.92 6.31
N GLY A 59 2.72 -22.21 6.66
CA GLY A 59 2.73 -22.59 8.05
C GLY A 59 4.04 -22.33 8.76
N LYS A 60 5.12 -22.09 8.02
CA LYS A 60 6.43 -21.85 8.59
C LYS A 60 6.79 -20.38 8.65
N MET A 61 5.94 -19.51 8.13
CA MET A 61 6.27 -18.10 8.01
C MET A 61 5.70 -17.29 9.17
N VAL A 63 4.49 -14.17 8.74
CA VAL A 63 3.45 -13.28 8.18
C VAL A 63 2.42 -14.13 7.46
N GLN A 64 1.14 -13.78 7.61
CA GLN A 64 0.05 -14.55 7.04
C GLN A 64 -1.06 -13.62 6.59
N GLY A 65 -1.81 -14.06 5.60
CA GLY A 65 -2.98 -13.34 5.14
C GLY A 65 -3.69 -14.14 4.06
N VAL A 66 -4.63 -13.49 3.38
CA VAL A 66 -5.45 -14.21 2.40
C VAL A 66 -4.69 -14.47 1.10
N GLN A 67 -3.90 -13.49 0.63
CA GLN A 67 -3.23 -13.62 -0.66
C GLN A 67 -1.93 -14.40 -0.54
N LYS A 68 -1.42 -14.82 -1.69
CA LYS A 68 -0.18 -15.60 -1.70
C LYS A 68 0.99 -14.69 -1.43
N LYS A 69 1.86 -15.09 -0.51
CA LYS A 69 3.04 -14.30 -0.22
C LYS A 69 4.22 -15.21 0.13
N LEU A 70 5.42 -14.66 -0.07
CA LEU A 70 6.65 -15.29 0.33
C LEU A 70 7.45 -14.35 1.20
N SER A 71 8.27 -14.90 2.09
CA SER A 71 9.27 -14.13 2.81
C SER A 71 10.60 -14.23 2.08
N ALA A 72 11.39 -13.16 2.13
CA ALA A 72 12.63 -13.15 1.38
C ALA A 72 13.68 -12.29 2.08
N LYS A 73 14.93 -12.61 1.81
CA LYS A 73 16.05 -11.76 2.16
C LYS A 73 16.63 -11.18 0.88
N LEU A 74 17.24 -10.01 0.99
CA LEU A 74 17.95 -9.40 -0.12
C LEU A 74 19.43 -9.77 -0.01
N LYS A 75 19.94 -10.48 -1.00
CA LYS A 75 21.39 -10.74 -1.10
C LYS A 75 22.00 -9.60 -1.89
N ILE A 76 22.67 -8.68 -1.19
CA ILE A 76 23.09 -7.42 -1.80
C ILE A 76 24.20 -7.65 -2.82
N LYS A 77 25.24 -8.39 -2.43
CA LYS A 77 26.35 -8.63 -3.37
C LYS A 77 25.88 -9.44 -4.58
N GLU A 78 25.05 -10.46 -4.36
CA GLU A 78 24.56 -11.22 -5.50
C GLU A 78 23.50 -10.45 -6.29
N GLY A 79 22.86 -9.47 -5.67
CA GLY A 79 21.84 -8.70 -6.36
C GLY A 79 20.57 -9.47 -6.65
N CYS A 80 20.02 -10.15 -5.65
CA CYS A 80 18.80 -10.91 -5.87
C CYS A 80 18.11 -11.17 -4.54
N PHE A 81 16.84 -11.54 -4.63
CA PHE A 81 16.09 -12.01 -3.47
C PHE A 81 16.32 -13.50 -3.27
N GLU A 82 16.28 -13.94 -2.00
CA GLU A 82 16.33 -15.34 -1.64
C GLU A 82 15.12 -15.65 -0.78
N ILE A 83 14.33 -16.65 -1.19
CA ILE A 83 13.15 -17.02 -0.42
C ILE A 83 13.58 -17.69 0.88
N VAL A 84 12.92 -17.33 1.98
CA VAL A 84 13.19 -17.89 3.30
C VAL A 84 11.87 -18.14 4.02
N ASP A 85 11.94 -18.97 5.06
CA ASP A 85 10.78 -19.21 5.92
C ASP A 85 10.77 -18.30 7.13
N GLN A 86 11.92 -18.08 7.76
CA GLN A 86 12.02 -17.31 8.99
C GLN A 86 12.93 -16.12 8.78
N TYR A 87 12.72 -15.08 9.59
CA TYR A 87 13.54 -13.87 9.57
C TYR A 87 13.46 -13.13 8.23
N GLY A 88 12.26 -13.05 7.65
CA GLY A 88 12.12 -12.34 6.40
C GLY A 88 12.47 -10.87 6.54
N GLN A 89 13.16 -10.35 5.53
CA GLN A 89 13.44 -8.91 5.41
C GLN A 89 12.44 -8.23 4.49
N TYR A 90 11.82 -8.98 3.58
CA TYR A 90 10.85 -8.48 2.61
C TYR A 90 9.72 -9.49 2.51
N ILE A 91 8.55 -8.99 2.09
CA ILE A 91 7.45 -9.83 1.66
C ILE A 91 7.33 -9.69 0.14
N LEU A 92 7.18 -10.83 -0.55
CA LEU A 92 6.94 -10.85 -1.98
C LEU A 92 5.52 -11.33 -2.22
N LYS A 93 4.82 -10.68 -3.16
CA LYS A 93 3.46 -11.07 -3.51
C LYS A 93 3.42 -11.34 -5.01
N PRO A 94 3.33 -12.59 -5.44
CA PRO A 94 3.28 -12.89 -6.87
C PRO A 94 1.91 -12.57 -7.44
N GLN A 95 1.81 -12.67 -8.77
CA GLN A 95 0.53 -12.51 -9.43
C GLN A 95 -0.50 -13.44 -8.81
N SER A 96 -1.72 -12.93 -8.67
CA SER A 96 -2.85 -13.78 -8.30
C SER A 96 -3.24 -14.64 -9.50
N ASP A 97 -3.72 -15.84 -9.22
CA ASP A 97 -4.32 -16.66 -10.27
C ASP A 97 -5.79 -16.36 -10.48
N ILE A 98 -6.29 -15.30 -9.85
CA ILE A 98 -7.71 -14.98 -9.84
C ILE A 98 -7.90 -13.53 -10.27
N TYR A 99 -7.21 -12.63 -9.58
CA TYR A 99 -7.47 -11.23 -9.80
C TYR A 99 -6.41 -10.64 -10.72
N PRO A 100 -6.79 -9.71 -11.61
CA PRO A 100 -5.81 -9.19 -12.58
C PRO A 100 -4.89 -8.14 -11.96
N GLU A 101 -3.61 -8.26 -12.26
CA GLU A 101 -2.63 -7.19 -12.06
C GLU A 101 -2.51 -6.74 -10.60
N LEU A 102 -2.65 -7.67 -9.66
CA LEU A 102 -2.59 -7.31 -8.25
C LEU A 102 -1.24 -6.75 -7.84
N PRO A 103 -0.09 -7.34 -8.23
CA PRO A 103 1.20 -6.73 -7.87
C PRO A 103 1.36 -5.31 -8.42
N GLU A 104 1.03 -5.10 -9.69
CA GLU A 104 1.16 -3.77 -10.28
C GLU A 104 0.25 -2.75 -9.61
N ASN A 105 -0.94 -3.19 -9.20
CA ASN A 105 -1.91 -2.33 -8.55
C ASN A 105 -1.41 -1.90 -7.17
N GLU A 106 -1.03 -2.87 -6.35
CA GLU A 106 -0.48 -2.57 -5.03
C GLU A 106 0.78 -1.72 -5.14
N ALA A 107 1.66 -2.02 -6.10
CA ALA A 107 2.88 -1.22 -6.25
C ALA A 107 2.57 0.25 -6.52
N ILE A 108 1.70 0.53 -7.49
CA ILE A 108 1.44 1.94 -7.81
C ILE A 108 0.66 2.61 -6.68
N THR A 109 -0.30 1.88 -6.08
CA THR A 109 -1.10 2.49 -5.02
C THR A 109 -0.25 2.86 -3.81
N MET A 110 0.66 1.98 -3.42
CA MET A 110 1.58 2.31 -2.32
C MET A 110 2.46 3.51 -2.66
N THR A 111 2.84 3.67 -3.95
CA THR A 111 3.57 4.85 -4.37
C THR A 111 2.71 6.11 -4.29
N LEU A 112 1.43 6.01 -4.67
CA LEU A 112 0.56 7.17 -4.51
C LEU A 112 0.46 7.59 -3.05
N ALA A 113 0.37 6.60 -2.15
CA ALA A 113 0.32 6.90 -0.72
C ALA A 113 1.55 7.65 -0.25
N LYS A 114 2.73 7.25 -0.71
CA LYS A 114 3.95 7.95 -0.33
C LYS A 114 3.92 9.40 -0.80
N THR A 115 3.35 9.66 -1.99
CA THR A 115 3.40 11.01 -2.53
C THR A 115 2.54 11.99 -1.75
N ILE A 116 1.51 11.50 -1.04
CA ILE A 116 0.67 12.36 -0.23
C ILE A 116 1.19 12.43 1.21
N GLY A 117 2.37 11.87 1.46
CA GLY A 117 3.01 12.03 2.75
C GLY A 117 2.69 10.96 3.78
N LEU A 118 2.04 9.88 3.39
CA LEU A 118 1.89 8.75 4.30
C LEU A 118 3.23 8.03 4.43
N GLU A 119 3.43 7.39 5.59
CA GLU A 119 4.64 6.62 5.83
C GLU A 119 4.49 5.28 5.16
N VAL A 120 5.34 4.99 4.17
CA VAL A 120 5.21 3.81 3.35
C VAL A 120 6.58 3.14 3.26
N PRO A 121 6.70 1.84 3.56
CA PRO A 121 8.01 1.18 3.44
C PRO A 121 8.46 1.12 1.99
N VAL A 122 9.77 0.87 1.82
CA VAL A 122 10.31 0.62 0.50
C VAL A 122 9.55 -0.54 -0.14
N HIS A 123 9.19 -0.37 -1.40
CA HIS A 123 8.39 -1.37 -2.10
C HIS A 123 8.63 -1.19 -3.60
N GLY A 124 8.19 -2.17 -4.38
CA GLY A 124 8.40 -2.06 -5.82
C GLY A 124 8.02 -3.35 -6.49
N LEU A 125 8.49 -3.51 -7.73
CA LEU A 125 8.21 -4.68 -8.52
C LEU A 125 9.51 -5.33 -8.97
N VAL A 126 9.52 -6.65 -9.00
CA VAL A 126 10.65 -7.42 -9.47
C VAL A 126 10.16 -8.39 -10.53
N TYR A 127 10.95 -8.54 -11.59
CA TYR A 127 10.60 -9.43 -12.68
C TYR A 127 10.75 -10.89 -12.26
N SER A 128 10.02 -11.76 -12.94
CA SER A 128 10.06 -13.20 -12.67
C SER A 128 10.57 -13.95 -13.91
N LYS A 129 10.75 -15.26 -13.73
CA LYS A 129 11.24 -16.10 -14.82
C LYS A 129 10.32 -16.07 -16.03
N ASP A 130 9.00 -15.97 -15.80
CA ASP A 130 8.01 -15.93 -16.88
C ASP A 130 7.68 -14.50 -17.32
N ASN A 131 8.51 -13.53 -16.96
CA ASN A 131 8.33 -12.11 -17.23
C ASN A 131 7.22 -11.46 -16.41
N SER A 132 6.55 -12.20 -15.53
CA SER A 132 5.52 -11.60 -14.71
C SER A 132 6.15 -10.78 -13.59
N LEU A 133 5.40 -9.79 -13.11
CA LEU A 133 5.87 -8.88 -12.08
C LEU A 133 5.37 -9.31 -10.71
N THR A 134 6.29 -9.41 -9.76
CA THR A 134 6.00 -9.72 -8.37
C THR A 134 6.25 -8.48 -7.52
N TYR A 135 5.32 -8.20 -6.60
CA TYR A 135 5.43 -7.03 -5.72
C TYR A 135 6.31 -7.38 -4.52
N PHE A 136 7.13 -6.42 -4.08
CA PHE A 136 7.90 -6.59 -2.86
C PHE A 136 7.71 -5.39 -1.94
N ILE A 137 7.82 -5.65 -0.64
CA ILE A 137 7.75 -4.61 0.38
C ILE A 137 8.69 -5.00 1.53
N LYS A 138 9.44 -4.01 2.02
CA LYS A 138 10.31 -4.24 3.17
C LYS A 138 9.50 -4.47 4.45
N ARG A 139 9.96 -5.45 5.26
CA ARG A 139 9.39 -5.67 6.59
C ARG A 139 9.77 -4.51 7.51
N PHE A 140 8.77 -3.81 8.04
CA PHE A 140 9.07 -2.66 8.90
C PHE A 140 9.21 -3.04 10.36
N ASP A 141 8.98 -4.31 10.70
CA ASP A 141 9.13 -4.81 12.07
C ASP A 141 10.46 -5.53 12.29
N ARG A 142 11.33 -5.54 11.29
CA ARG A 142 12.66 -6.13 11.42
C ARG A 142 13.64 -5.08 10.89
N ILE A 143 14.49 -4.57 11.78
CA ILE A 143 15.40 -3.47 11.48
C ILE A 143 16.80 -3.83 11.98
N GLY A 144 17.77 -3.06 11.48
CA GLY A 144 19.15 -3.19 11.95
C GLY A 144 19.67 -4.60 11.80
N HIS A 145 20.15 -5.16 12.90
CA HIS A 145 20.75 -6.50 12.91
C HIS A 145 19.69 -7.56 13.23
N ASN A 146 18.67 -7.64 12.38
CA ASN A 146 17.57 -8.60 12.57
C ASN A 146 16.85 -8.36 13.90
N LYS A 147 16.70 -7.10 14.28
CA LYS A 147 16.03 -6.76 15.51
C LYS A 147 14.54 -6.63 15.25
N LYS A 148 13.74 -7.35 16.04
CA LYS A 148 12.29 -7.31 15.90
C LYS A 148 11.71 -6.15 16.71
N LEU A 149 10.83 -5.38 16.07
CA LEU A 149 10.05 -4.36 16.76
C LEU A 149 8.67 -4.92 17.09
N ALA A 150 8.12 -4.45 18.22
CA ALA A 150 6.80 -4.91 18.66
C ALA A 150 5.70 -4.29 17.80
N LEU A 151 4.76 -5.13 17.37
CA LEU A 151 3.72 -4.78 16.42
C LEU A 151 2.46 -5.56 16.79
N GLU A 152 1.32 -4.87 16.90
CA GLU A 152 0.06 -5.54 17.16
C GLU A 152 -1.04 -4.97 16.27
N ASP A 153 -1.88 -5.83 15.71
CA ASP A 153 -2.97 -5.32 14.88
C ASP A 153 -4.17 -4.91 15.74
N PHE A 154 -5.13 -4.24 15.10
CA PHE A 154 -6.22 -3.65 15.87
C PHE A 154 -7.24 -4.70 16.33
N ALA A 155 -7.26 -5.88 15.73
CA ALA A 155 -8.07 -6.96 16.28
C ALA A 155 -7.54 -7.38 17.64
N GLN A 156 -6.22 -7.59 17.73
CA GLN A 156 -5.62 -7.90 19.03
C GLN A 156 -5.86 -6.78 20.04
N LEU A 157 -5.69 -5.53 19.61
CA LEU A 157 -5.80 -4.40 20.54
C LEU A 157 -7.22 -4.15 21.00
N SER A 158 -8.23 -4.51 20.19
CA SER A 158 -9.61 -4.26 20.55
C SER A 158 -10.27 -5.48 21.21
N GLY A 159 -9.47 -6.48 21.59
CA GLY A 159 -10.02 -7.65 22.24
C GLY A 159 -10.76 -8.61 21.34
N GLU A 160 -10.53 -8.59 20.04
CA GLU A 160 -11.14 -9.56 19.17
C GLU A 160 -10.21 -10.74 18.95
N ASP A 161 -10.76 -11.83 18.43
CA ASP A 161 -9.88 -12.94 18.09
C ASP A 161 -9.15 -12.66 16.78
N ARG A 162 -8.20 -13.54 16.46
CA ARG A 162 -7.28 -13.28 15.35
C ARG A 162 -7.94 -13.30 13.98
N HIS A 163 -9.16 -13.80 13.85
CA HIS A 163 -9.82 -13.86 12.55
C HIS A 163 -10.74 -12.67 12.30
N THR A 164 -10.93 -11.80 13.27
CA THR A 164 -11.87 -10.70 13.13
C THR A 164 -11.26 -9.62 12.26
N LYS A 165 -11.95 -9.30 11.16
CA LYS A 165 -11.50 -8.34 10.17
C LYS A 165 -12.57 -7.30 9.89
N TYR A 166 -13.86 -7.69 9.95
CA TYR A 166 -14.93 -6.82 9.51
C TYR A 166 -15.89 -6.42 10.61
N LYS A 167 -15.87 -7.11 11.74
CA LYS A 167 -16.82 -6.86 12.81
C LYS A 167 -16.29 -5.75 13.70
N SER A 168 -16.22 -4.56 13.12
CA SER A 168 -15.67 -3.36 13.76
C SER A 168 -16.21 -2.14 13.02
N SER A 169 -15.61 -0.98 13.29
CA SER A 169 -16.05 0.26 12.67
C SER A 169 -14.91 1.27 12.72
N MET A 170 -15.03 2.32 11.90
CA MET A 170 -14.02 3.37 11.97
C MET A 170 -14.00 4.04 13.33
N GLU A 171 -15.15 4.12 14.00
CA GLU A 171 -15.20 4.72 15.33
C GLU A 171 -14.42 3.89 16.35
N LYS A 172 -14.46 2.56 16.21
CA LYS A 172 -13.67 1.70 17.08
C LYS A 172 -12.18 1.82 16.76
N VAL A 173 -11.84 1.94 15.48
CA VAL A 173 -10.45 2.21 15.10
C VAL A 173 -9.93 3.46 15.79
N ILE A 174 -10.73 4.54 15.78
CA ILE A 174 -10.35 5.77 16.47
C ILE A 174 -10.17 5.53 17.97
N ALA A 175 -11.08 4.77 18.58
CA ALA A 175 -10.99 4.49 20.01
C ALA A 175 -9.71 3.76 20.36
N VAL A 176 -9.26 2.82 19.50
CA VAL A 176 -8.00 2.13 19.74
C VAL A 176 -6.83 3.11 19.75
N ILE A 177 -6.80 4.04 18.78
CA ILE A 177 -5.73 5.02 18.73
C ILE A 177 -5.73 5.89 19.99
N GLU A 178 -6.91 6.35 20.39
CA GLU A 178 -7.03 7.17 21.61
C GLU A 178 -6.52 6.41 22.83
N GLN A 179 -6.80 5.11 22.91
CA GLN A 179 -6.42 4.34 24.08
C GLN A 179 -4.90 4.13 24.15
N PHE A 180 -4.26 3.81 23.03
CA PHE A 180 -2.92 3.23 23.06
C PHE A 180 -1.82 4.12 22.50
N CYS A 181 -2.13 5.03 21.58
CA CYS A 181 -1.05 5.78 20.94
C CYS A 181 -0.50 6.87 21.86
N THR A 182 0.81 7.12 21.73
CA THR A 182 1.46 8.10 22.60
C THR A 182 0.94 9.52 22.33
N PHE A 183 0.80 9.88 21.04
CA PHE A 183 0.32 11.20 20.65
C PHE A 183 -0.89 11.01 19.74
N PRO A 184 -2.07 10.72 20.32
CA PRO A 184 -3.24 10.42 19.47
C PRO A 184 -3.58 11.51 18.47
N LYS A 185 -3.41 12.79 18.80
CA LYS A 185 -3.78 13.84 17.86
C LYS A 185 -2.96 13.77 16.58
N ILE A 186 -1.68 13.42 16.69
CA ILE A 186 -0.84 13.24 15.50
C ILE A 186 -1.33 12.05 14.69
N GLU A 187 -1.68 10.97 15.38
CA GLU A 187 -2.16 9.78 14.70
C GLU A 187 -3.54 10.00 14.07
N PHE A 188 -4.36 10.89 14.65
CA PHE A 188 -5.66 11.18 14.03
C PHE A 188 -5.46 11.88 12.68
N VAL A 189 -4.49 12.77 12.56
CA VAL A 189 -4.22 13.40 11.26
C VAL A 189 -3.82 12.35 10.25
N LYS A 190 -3.00 11.40 10.67
CA LYS A 190 -2.58 10.31 9.81
C LYS A 190 -3.76 9.45 9.38
N LEU A 191 -4.63 9.09 10.34
CA LEU A 191 -5.80 8.29 10.01
C LEU A 191 -6.73 9.01 9.06
N PHE A 192 -6.89 10.33 9.25
CA PHE A 192 -7.70 11.13 8.33
C PHE A 192 -7.15 11.06 6.91
N LYS A 193 -5.85 11.27 6.75
CA LYS A 193 -5.24 11.19 5.42
C LYS A 193 -5.38 9.79 4.83
N LEU A 194 -5.13 8.76 5.64
CA LEU A 194 -5.18 7.39 5.15
C LEU A 194 -6.59 7.02 4.70
N THR A 195 -7.60 7.48 5.45
CA THR A 195 -8.99 7.13 5.14
C THR A 195 -9.48 7.86 3.90
N LEU A 196 -9.14 9.14 3.75
CA LEU A 196 -9.43 9.82 2.49
C LEU A 196 -8.71 9.15 1.33
N PHE A 197 -7.43 8.81 1.53
CA PHE A 197 -6.68 8.13 0.49
C PHE A 197 -7.37 6.85 0.04
N ASN A 198 -7.75 5.99 0.99
CA ASN A 198 -8.38 4.73 0.65
C ASN A 198 -9.69 4.93 -0.11
N PHE A 199 -10.44 5.99 0.22
CA PHE A 199 -11.66 6.29 -0.52
C PHE A 199 -11.34 6.71 -1.96
N LEU A 200 -10.35 7.60 -2.13
CA LEU A 200 -10.02 8.12 -3.45
C LEU A 200 -9.51 7.03 -4.39
N VAL A 201 -8.76 6.06 -3.87
CA VAL A 201 -8.12 5.04 -4.71
C VAL A 201 -8.93 3.75 -4.77
N GLY A 202 -10.14 3.73 -4.23
CA GLY A 202 -10.94 2.53 -4.37
C GLY A 202 -10.54 1.37 -3.49
N ASN A 203 -9.83 1.62 -2.39
CA ASN A 203 -9.52 0.56 -1.45
C ASN A 203 -10.73 0.32 -0.54
N GLU A 204 -11.59 -0.60 -0.94
CA GLU A 204 -12.75 -0.97 -0.16
C GLU A 204 -12.44 -2.13 0.77
N GLU A 205 -11.16 -2.43 0.95
CA GLU A 205 -10.72 -3.58 1.71
C GLU A 205 -9.71 -3.24 2.79
N MET A 206 -9.81 -2.05 3.38
CA MET A 206 -8.96 -1.67 4.52
C MET A 206 -9.64 -2.18 5.78
N HIS A 207 -9.37 -3.43 6.12
CA HIS A 207 -10.08 -4.11 7.19
C HIS A 207 -9.31 -3.94 8.50
N LEU A 208 -9.85 -4.53 9.58
CA LEU A 208 -9.32 -4.25 10.92
C LEU A 208 -7.88 -4.69 11.06
N LYS A 209 -7.47 -5.78 10.41
CA LYS A 209 -6.12 -6.27 10.57
C LYS A 209 -5.11 -5.50 9.72
N ASN A 210 -5.57 -4.59 8.86
CA ASN A 210 -4.67 -3.69 8.15
C ASN A 210 -4.25 -2.52 9.02
N PHE A 211 -4.87 -2.34 10.19
CA PHE A 211 -4.43 -1.33 11.15
C PHE A 211 -3.58 -2.01 12.21
N SER A 212 -2.37 -1.48 12.43
CA SER A 212 -1.46 -1.99 13.44
C SER A 212 -0.80 -0.83 14.15
N LEU A 213 -0.44 -1.05 15.42
CA LEU A 213 0.40 -0.12 16.16
C LEU A 213 1.79 -0.73 16.32
N ILE A 214 2.79 0.13 16.32
CA ILE A 214 4.19 -0.28 16.42
C ILE A 214 4.88 0.54 17.51
N THR A 215 5.81 -0.11 18.22
CA THR A 215 6.62 0.58 19.22
C THR A 215 7.97 0.86 18.57
N LYS A 216 8.23 2.13 18.29
CA LYS A 216 9.43 2.55 17.60
C LYS A 216 9.66 4.01 17.92
N ASP A 217 10.93 4.39 18.01
CA ASP A 217 11.31 5.78 18.28
C ASP A 217 10.75 6.27 19.62
N ARG A 218 10.67 5.37 20.59
CA ARG A 218 10.27 5.69 21.96
C ARG A 218 8.82 6.14 22.05
N LYS A 219 7.97 5.64 21.16
CA LYS A 219 6.55 5.93 21.20
C LYS A 219 5.79 4.78 20.56
N ILE A 220 4.47 4.78 20.78
CA ILE A 220 3.54 3.87 20.11
C ILE A 220 2.79 4.69 19.08
N SER A 221 2.83 4.25 17.82
CA SER A 221 2.19 4.97 16.72
C SER A 221 1.55 3.97 15.79
N ILE A 222 0.67 4.47 14.90
CA ILE A 222 0.21 3.65 13.79
C ILE A 222 1.41 3.25 12.94
N SER A 223 1.43 1.98 12.52
CA SER A 223 2.53 1.44 11.73
C SER A 223 2.66 2.13 10.37
N PRO A 224 3.78 1.93 9.69
CA PRO A 224 3.84 2.27 8.26
C PRO A 224 2.71 1.54 7.53
N ALA A 225 2.31 2.11 6.40
CA ALA A 225 1.21 1.55 5.63
C ALA A 225 1.59 0.23 4.98
N TYR A 226 0.61 -0.66 4.87
CA TYR A 226 0.78 -1.90 4.14
C TYR A 226 -0.54 -2.28 3.48
N ASP A 227 -0.46 -3.00 2.35
CA ASP A 227 -1.62 -3.61 1.71
C ASP A 227 -2.58 -2.58 1.13
N LEU A 228 -2.09 -1.44 0.68
CA LEU A 228 -2.97 -0.44 0.05
C LEU A 228 -3.02 -0.73 -1.45
N LEU A 229 -4.23 -0.97 -1.96
CA LEU A 229 -4.39 -1.24 -3.38
C LEU A 229 -5.80 -0.83 -3.75
N ASN A 230 -6.01 -0.62 -5.06
CA ASN A 230 -7.33 -0.29 -5.57
C ASN A 230 -8.07 -1.61 -5.75
N SER A 231 -8.73 -2.05 -4.66
CA SER A 231 -9.39 -3.34 -4.69
C SER A 231 -10.63 -3.31 -5.56
N THR A 232 -11.21 -2.13 -5.76
CA THR A 232 -12.41 -2.00 -6.58
C THR A 232 -12.15 -2.44 -8.02
N ILE A 233 -11.03 -2.00 -8.62
CA ILE A 233 -10.77 -2.34 -10.02
C ILE A 233 -10.22 -3.75 -10.18
N ALA A 234 -9.69 -4.35 -9.12
CA ALA A 234 -9.23 -5.72 -9.20
C ALA A 234 -10.37 -6.72 -9.06
N GLN A 235 -11.47 -6.33 -8.44
CA GLN A 235 -12.63 -7.17 -8.25
C GLN A 235 -13.64 -6.92 -9.36
N LYS A 236 -14.75 -7.62 -9.29
CA LYS A 236 -15.88 -7.36 -10.17
C LYS A 236 -17.10 -7.04 -9.32
N ASN A 237 -17.92 -6.12 -9.84
CA ASN A 237 -19.24 -5.85 -9.27
C ASN A 237 -19.14 -5.36 -7.83
N THR A 238 -18.10 -4.60 -7.54
CA THR A 238 -17.93 -4.04 -6.19
C THR A 238 -18.95 -2.95 -5.95
N LYS A 239 -19.67 -3.03 -4.83
CA LYS A 239 -20.63 -2.00 -4.45
C LYS A 239 -20.21 -1.22 -3.21
N GLU A 240 -19.48 -1.84 -2.30
CA GLU A 240 -19.10 -1.14 -1.08
C GLU A 240 -17.88 -0.26 -1.33
N GLU A 241 -17.76 0.78 -0.49
CA GLU A 241 -16.64 1.71 -0.55
C GLU A 241 -15.69 1.61 0.62
N LEU A 242 -16.17 1.22 1.80
CA LEU A 242 -15.35 1.09 3.01
C LEU A 242 -15.54 -0.30 3.58
N ALA A 243 -14.43 -0.93 3.99
CA ALA A 243 -14.51 -2.24 4.64
C ALA A 243 -15.16 -2.14 6.02
N LEU A 244 -14.88 -1.06 6.74
CA LEU A 244 -15.38 -0.84 8.08
C LEU A 244 -16.29 0.37 8.04
N PRO A 245 -17.49 0.30 8.61
CA PRO A 245 -18.43 1.40 8.46
C PRO A 245 -17.97 2.67 9.15
N LEU A 246 -18.37 3.78 8.55
CA LEU A 246 -18.21 5.11 9.13
C LEU A 246 -19.59 5.70 9.22
N LYS A 247 -20.00 6.11 10.42
CA LYS A 247 -21.34 6.62 10.61
C LYS A 247 -22.38 5.57 10.22
N GLY A 248 -22.05 4.30 10.40
CA GLY A 248 -22.94 3.22 10.02
C GLY A 248 -22.99 2.91 8.54
N LYS A 249 -22.16 3.56 7.72
CA LYS A 249 -22.21 3.45 6.27
C LYS A 249 -20.97 2.77 5.73
N LYS A 250 -21.16 1.87 4.77
CA LYS A 250 -20.07 1.31 3.97
C LYS A 250 -20.15 1.73 2.51
N ASN A 251 -21.21 2.43 2.11
CA ASN A 251 -21.41 2.86 0.74
C ASN A 251 -22.13 4.21 0.78
N ASN A 252 -22.14 4.91 -0.36
CA ASN A 252 -22.80 6.20 -0.48
C ASN A 252 -22.25 7.23 0.52
N LEU A 253 -20.94 7.16 0.76
CA LEU A 253 -20.31 8.13 1.64
C LEU A 253 -20.36 9.51 1.01
N THR A 254 -20.55 10.54 1.83
CA THR A 254 -20.64 11.91 1.36
C THR A 254 -19.42 12.72 1.80
N LYS A 255 -19.25 13.86 1.14
CA LYS A 255 -18.20 14.80 1.53
C LYS A 255 -18.29 15.15 3.00
N SER A 256 -19.50 15.44 3.50
CA SER A 256 -19.62 15.81 4.90
C SER A 256 -19.36 14.63 5.83
N ASP A 257 -19.67 13.41 5.40
CA ASP A 257 -19.32 12.24 6.20
C ASP A 257 -17.83 12.25 6.54
N PHE A 258 -16.98 12.59 5.56
CA PHE A 258 -15.54 12.60 5.77
C PHE A 258 -15.05 13.90 6.42
N LEU A 259 -15.52 15.03 5.92
CA LEU A 259 -14.90 16.31 6.27
C LEU A 259 -15.52 16.99 7.47
N LYS A 260 -16.71 16.54 7.90
CA LYS A 260 -17.38 17.10 9.07
C LYS A 260 -17.57 16.04 10.14
N TYR A 261 -18.39 15.02 9.90
CA TYR A 261 -18.59 13.96 10.89
C TYR A 261 -17.26 13.33 11.31
N PHE A 262 -16.49 12.84 10.35
CA PHE A 262 -15.25 12.12 10.67
C PHE A 262 -14.18 13.09 11.17
N ALA A 263 -13.84 14.09 10.36
CA ALA A 263 -12.72 14.98 10.69
C ALA A 263 -12.97 15.79 11.96
N ILE A 264 -14.18 16.33 12.13
CA ILE A 264 -14.46 17.22 13.26
C ILE A 264 -15.06 16.48 14.44
N GLU A 265 -16.21 15.83 14.23
CA GLU A 265 -16.91 15.21 15.37
C GLU A 265 -16.14 14.03 15.94
N LYS A 266 -15.58 13.18 15.09
CA LYS A 266 -14.93 11.97 15.60
C LYS A 266 -13.45 12.16 15.91
N LEU A 267 -12.73 12.93 15.08
CA LEU A 267 -11.29 13.12 15.24
C LEU A 267 -10.91 14.41 15.94
N GLY A 268 -11.82 15.39 16.02
CA GLY A 268 -11.52 16.65 16.69
C GLY A 268 -10.50 17.52 15.99
N LEU A 269 -10.33 17.38 14.69
CA LEU A 269 -9.33 18.18 13.99
C LEU A 269 -9.79 19.62 13.83
N ASN A 270 -8.85 20.57 13.95
CA ASN A 270 -9.16 21.98 13.74
C ASN A 270 -9.41 22.24 12.25
N GLN A 271 -10.22 23.26 11.97
CA GLN A 271 -10.65 23.51 10.59
C GLN A 271 -9.49 23.88 9.68
N ASN A 272 -8.53 24.64 10.21
CA ASN A 272 -7.36 25.00 9.41
C ASN A 272 -6.56 23.77 9.03
N VAL A 273 -6.51 22.76 9.90
CA VAL A 273 -5.80 21.53 9.58
C VAL A 273 -6.53 20.77 8.48
N ILE A 274 -7.86 20.71 8.56
CA ILE A 274 -8.66 20.03 7.54
C ILE A 274 -8.45 20.69 6.18
N ASP A 275 -8.57 22.02 6.13
CA ASP A 275 -8.43 22.73 4.86
C ASP A 275 -7.04 22.52 4.25
N GLY A 276 -6.01 22.48 5.11
CA GLY A 276 -4.67 22.24 4.60
C GLY A 276 -4.49 20.86 4.01
N ILE A 277 -5.08 19.85 4.64
CA ILE A 277 -4.99 18.49 4.10
C ILE A 277 -5.78 18.38 2.81
N VAL A 278 -6.96 19.00 2.75
CA VAL A 278 -7.75 19.01 1.51
C VAL A 278 -6.96 19.63 0.39
N GLN A 279 -6.27 20.74 0.66
CA GLN A 279 -5.46 21.38 -0.36
C GLN A 279 -4.30 20.48 -0.80
N GLU A 280 -3.70 19.74 0.13
CA GLU A 280 -2.65 18.78 -0.22
C GLU A 280 -3.17 17.76 -1.22
N PHE A 281 -4.38 17.23 -0.98
CA PHE A 281 -4.94 16.26 -1.91
C PHE A 281 -5.25 16.91 -3.25
N HIS A 282 -5.86 18.10 -3.22
CA HIS A 282 -6.13 18.84 -4.45
C HIS A 282 -4.87 18.98 -5.31
N GLN A 283 -3.75 19.37 -4.71
CA GLN A 283 -2.51 19.58 -5.44
C GLN A 283 -1.89 18.29 -5.96
N VAL A 284 -2.14 17.16 -5.30
CA VAL A 284 -1.44 15.93 -5.67
C VAL A 284 -2.12 15.17 -6.80
N ILE A 285 -3.40 15.45 -7.09
CA ILE A 285 -4.14 14.63 -8.06
C ILE A 285 -3.45 14.58 -9.42
N PRO A 286 -3.00 15.69 -10.01
CA PRO A 286 -2.29 15.56 -11.30
C PRO A 286 -1.04 14.71 -11.22
N LYS A 287 -0.30 14.77 -10.11
CA LYS A 287 0.85 13.88 -9.95
C LYS A 287 0.41 12.42 -9.91
N TRP A 288 -0.66 12.11 -9.18
CA TRP A 288 -1.18 10.75 -9.18
C TRP A 288 -1.57 10.31 -10.59
N GLN A 289 -2.24 11.19 -11.35
CA GLN A 289 -2.67 10.79 -12.70
C GLN A 289 -1.46 10.50 -13.58
N GLU A 290 -0.41 11.31 -13.45
CA GLU A 290 0.82 11.06 -14.20
C GLU A 290 1.42 9.72 -13.80
N LEU A 291 1.49 9.45 -12.49
CA LEU A 291 2.11 8.22 -12.02
C LEU A 291 1.34 6.99 -12.45
N ILE A 292 0.00 7.04 -12.39
CA ILE A 292 -0.79 5.92 -12.90
C ILE A 292 -0.48 5.66 -14.38
N GLY A 293 -0.34 6.74 -15.17
CA GLY A 293 0.00 6.57 -16.58
C GLY A 293 1.38 6.01 -16.81
N PHE A 294 2.30 6.19 -15.86
CA PHE A 294 3.65 5.63 -15.92
C PHE A 294 3.73 4.22 -15.32
N SER A 295 2.62 3.71 -14.80
CA SER A 295 2.66 2.49 -13.99
C SER A 295 2.73 1.25 -14.86
N PHE A 296 2.87 0.09 -14.21
CA PHE A 296 2.91 -1.19 -14.88
C PHE A 296 1.54 -1.83 -15.04
N LEU A 297 0.49 -1.15 -14.61
CA LEU A 297 -0.86 -1.55 -14.98
C LEU A 297 -1.03 -1.48 -16.50
N SER A 298 -1.83 -2.38 -17.03
CA SER A 298 -2.20 -2.29 -18.44
C SER A 298 -2.96 -0.99 -18.71
N GLN A 299 -3.03 -0.60 -19.99
CA GLN A 299 -3.76 0.60 -20.35
C GLN A 299 -5.21 0.54 -19.87
N GLU A 300 -5.84 -0.62 -20.00
CA GLU A 300 -7.24 -0.77 -19.61
C GLU A 300 -7.40 -0.63 -18.10
N MET A 301 -6.47 -1.17 -17.32
CA MET A 301 -6.54 -1.05 -15.87
C MET A 301 -6.20 0.37 -15.41
N GLN A 302 -5.27 1.03 -16.10
CA GLN A 302 -5.02 2.45 -15.83
C GLN A 302 -6.27 3.29 -16.01
N GLU A 303 -7.04 3.02 -17.08
CA GLU A 303 -8.25 3.80 -17.32
C GLU A 303 -9.28 3.57 -16.23
N LYS A 304 -9.43 2.33 -15.78
CA LYS A 304 -10.35 2.05 -14.66
C LYS A 304 -9.89 2.79 -13.40
N TYR A 305 -8.59 2.79 -13.13
CA TYR A 305 -8.08 3.49 -11.94
C TYR A 305 -8.35 4.98 -12.05
N LEU A 306 -8.03 5.58 -13.21
CA LEU A 306 -8.19 7.02 -13.38
C LEU A 306 -9.64 7.43 -13.33
N GLU A 307 -10.53 6.62 -13.94
CA GLU A 307 -11.94 6.96 -13.93
C GLU A 307 -12.49 6.94 -12.51
N LEU A 308 -12.15 5.90 -11.74
CA LEU A 308 -12.61 5.82 -10.36
C LEU A 308 -12.04 6.95 -9.52
N LEU A 309 -10.73 7.20 -9.66
CA LEU A 309 -10.12 8.30 -8.92
C LEU A 309 -10.84 9.62 -9.20
N GLU A 310 -11.14 9.89 -10.46
CA GLU A 310 -11.80 11.16 -10.77
C GLU A 310 -13.21 11.23 -10.21
N GLN A 311 -13.94 10.11 -10.25
CA GLN A 311 -15.27 10.07 -9.63
C GLN A 311 -15.20 10.37 -8.15
N ARG A 312 -14.26 9.73 -7.44
CA ARG A 312 -14.15 9.93 -6.00
C ARG A 312 -13.71 11.35 -5.68
N CYS A 313 -12.81 11.91 -6.50
CA CYS A 313 -12.37 13.29 -6.30
C CYS A 313 -13.54 14.26 -6.46
N LYS A 314 -14.40 14.03 -7.47
CA LYS A 314 -15.55 14.90 -7.65
C LYS A 314 -16.48 14.86 -6.44
N ARG A 315 -16.66 13.67 -5.86
CA ARG A 315 -17.55 13.53 -4.71
C ARG A 315 -17.06 14.32 -3.50
N LEU A 316 -15.76 14.48 -3.35
CA LEU A 316 -15.19 15.24 -2.25
C LEU A 316 -14.89 16.68 -2.62
N ASN A 317 -15.17 17.10 -3.86
CA ASN A 317 -14.88 18.44 -4.36
C ASN A 317 -13.38 18.75 -4.32
N PHE A 318 -12.55 17.73 -4.47
CA PHE A 318 -11.10 17.90 -4.38
C PHE A 318 -10.51 18.53 -5.63
N PHE A 319 -11.31 18.80 -6.65
CA PHE A 319 -10.87 19.63 -7.77
C PHE A 319 -11.15 21.10 -7.46
#